data_3OMQ
#
_entry.id   3OMQ
#
_cell.length_a   70.590
_cell.length_b   70.590
_cell.length_c   110.090
_cell.angle_alpha   90.000
_cell.angle_beta   90.000
_cell.angle_gamma   120.000
#
_symmetry.space_group_name_H-M   'P 31'
#
loop_
_entity.id
_entity.type
_entity.pdbx_description
1 polymer 'Estrogen receptor beta'
2 polymer 'Nuclear receptor coactivator 1'
3 non-polymer 2-[(trifluoromethyl)sulfonyl]-1,2,3,4-tetrahydroisoquinolin-6-ol
4 water water
#
loop_
_entity_poly.entity_id
_entity_poly.type
_entity_poly.pdbx_seq_one_letter_code
_entity_poly.pdbx_strand_id
1 'polypeptide(L)'
;DALSPEQLVLTLLEAEPPHVLISRPSAPFTEASMMMSLTKLADKELVHMISWAKKIPGFVELSLFDQVRLLESCWMEVLM
MGLMWRSIDHPGKLIFAPDLVLDRDEGKCVEGILEIFDMLLATTSRFRELKLQHKEYLCVKAMILLNSSMYPLVTATQDA
DSSRKLAHLLNAVTDALVWVIAKSGISSQQQSMRLANLLMLLSHVRHASNKGMEHLLNMKCKNVVPVYDLLLEMLNAHVL
;
A,B
2 'polypeptide(L)' LTERHKILHRLLQEGSPSD C,D
#
# COMPACT_ATOMS: atom_id res chain seq x y z
N SER A 4 -14.82 -6.76 21.64
CA SER A 4 -16.22 -6.47 21.31
C SER A 4 -16.43 -5.00 20.90
N PRO A 5 -17.32 -4.71 19.93
CA PRO A 5 -17.17 -3.48 19.16
C PRO A 5 -17.26 -2.16 19.94
N GLU A 6 -18.34 -1.93 20.70
CA GLU A 6 -18.44 -0.71 21.52
C GLU A 6 -17.21 -0.46 22.40
N GLN A 7 -16.77 -1.49 23.13
CA GLN A 7 -15.68 -1.41 24.08
C GLN A 7 -14.35 -1.21 23.35
N LEU A 8 -14.19 -1.96 22.26
CA LEU A 8 -12.96 -1.85 21.46
C LEU A 8 -12.79 -0.40 21.00
N VAL A 9 -13.89 0.15 20.46
CA VAL A 9 -13.90 1.54 19.93
C VAL A 9 -13.56 2.57 21.07
N LEU A 10 -14.06 2.30 22.28
CA LEU A 10 -13.80 3.19 23.41
C LEU A 10 -12.36 3.09 23.75
N THR A 11 -11.79 1.88 23.75
CA THR A 11 -10.39 1.72 24.07
C THR A 11 -9.51 2.51 23.11
N LEU A 12 -9.86 2.45 21.83
CA LEU A 12 -9.04 3.12 20.82
C LEU A 12 -9.17 4.63 21.02
N LEU A 13 -10.39 5.07 21.29
CA LEU A 13 -10.62 6.48 21.59
C LEU A 13 -9.73 6.97 22.76
N GLU A 14 -9.60 6.12 23.79
CA GLU A 14 -8.88 6.47 24.99
C GLU A 14 -7.40 6.32 24.79
N ALA A 15 -7.00 5.55 23.77
CA ALA A 15 -5.59 5.32 23.43
C ALA A 15 -4.92 6.48 22.66
N GLU A 16 -5.73 7.42 22.19
CA GLU A 16 -5.22 8.45 21.23
C GLU A 16 -4.04 9.15 21.81
N PRO A 17 -2.98 9.30 21.02
CA PRO A 17 -1.73 9.91 21.55
C PRO A 17 -1.92 11.40 21.73
N PRO A 18 -1.14 12.04 22.57
CA PRO A 18 -1.26 13.51 22.62
C PRO A 18 -0.81 14.16 21.32
N HIS A 19 -1.30 15.37 21.05
CA HIS A 19 -0.80 16.21 19.96
C HIS A 19 0.60 16.67 20.38
N VAL A 20 1.64 16.44 19.57
CA VAL A 20 2.95 16.96 19.87
C VAL A 20 3.11 18.42 19.39
N LEU A 21 3.51 19.31 20.27
CA LEU A 21 3.67 20.70 19.91
C LEU A 21 5.04 20.98 19.40
N ILE A 22 5.10 21.75 18.31
CA ILE A 22 6.35 22.23 17.74
C ILE A 22 6.02 23.57 17.05
N SER A 23 6.99 24.46 16.90
CA SER A 23 6.76 25.73 16.25
C SER A 23 7.64 25.87 15.00
N ARG A 24 7.27 26.71 14.04
CA ARG A 24 8.21 27.13 12.96
C ARG A 24 9.48 27.76 13.53
N PRO A 25 10.65 27.57 12.87
CA PRO A 25 11.82 28.40 13.30
C PRO A 25 11.52 29.89 13.17
N SER A 26 12.28 30.68 13.92
CA SER A 26 12.26 32.15 13.77
C SER A 26 12.62 32.67 12.36
N ALA A 27 13.66 32.09 11.79
CA ALA A 27 14.18 32.49 10.47
C ALA A 27 13.36 31.79 9.35
N PRO A 28 13.32 32.35 8.11
CA PRO A 28 12.62 31.65 7.00
C PRO A 28 13.08 30.23 6.83
N PHE A 29 12.19 29.31 6.42
CA PHE A 29 12.60 27.93 6.15
C PHE A 29 13.74 27.82 5.12
N THR A 30 14.62 26.86 5.36
CA THR A 30 15.52 26.34 4.32
C THR A 30 15.21 24.83 4.19
N GLU A 31 15.81 24.17 3.19
CA GLU A 31 15.65 22.75 3.05
C GLU A 31 16.05 22.06 4.30
N ALA A 32 17.22 22.45 4.85
CA ALA A 32 17.66 21.89 6.12
C ALA A 32 16.68 22.12 7.30
N SER A 33 16.26 23.36 7.51
CA SER A 33 15.49 23.64 8.71
C SER A 33 14.07 23.10 8.60
N MET A 34 13.52 23.06 7.39
CA MET A 34 12.23 22.39 7.24
C MET A 34 12.29 20.90 7.59
N MET A 35 13.33 20.20 7.09
CA MET A 35 13.50 18.80 7.43
C MET A 35 13.83 18.60 8.92
N MET A 36 14.52 19.54 9.54
CA MET A 36 14.78 19.43 10.95
C MET A 36 13.48 19.45 11.74
N SER A 37 12.60 20.40 11.41
CA SER A 37 11.33 20.50 12.07
C SER A 37 10.49 19.24 11.91
N LEU A 38 10.37 18.70 10.69
CA LEU A 38 9.47 17.59 10.47
C LEU A 38 9.98 16.29 11.07
N THR A 39 11.30 16.12 11.03
CA THR A 39 11.88 14.91 11.67
C THR A 39 11.90 15.01 13.20
N LYS A 40 12.23 16.18 13.75
CA LYS A 40 12.12 16.40 15.15
C LYS A 40 10.68 16.07 15.65
N LEU A 41 9.66 16.56 14.91
CA LEU A 41 8.26 16.22 15.21
C LEU A 41 8.03 14.70 15.13
N ALA A 42 8.52 14.09 14.04
CA ALA A 42 8.26 12.67 13.79
C ALA A 42 8.86 11.79 14.92
N ASP A 43 10.06 12.18 15.36
CA ASP A 43 10.79 11.41 16.39
C ASP A 43 9.99 11.42 17.67
N LYS A 44 9.48 12.60 18.04
CA LYS A 44 8.68 12.72 19.24
C LYS A 44 7.30 12.00 19.11
N GLU A 45 6.68 12.08 17.97
CA GLU A 45 5.45 11.32 17.74
C GLU A 45 5.67 9.80 17.81
N LEU A 46 6.83 9.34 17.34
CA LEU A 46 7.16 7.91 17.44
C LEU A 46 7.14 7.43 18.88
N VAL A 47 7.78 8.19 19.79
CA VAL A 47 7.77 7.87 21.22
C VAL A 47 6.33 7.65 21.68
N HIS A 48 5.45 8.59 21.38
CA HIS A 48 4.07 8.43 21.74
C HIS A 48 3.30 7.38 20.98
N MET A 49 3.68 7.11 19.74
CA MET A 49 3.06 5.96 18.98
C MET A 49 3.23 4.58 19.69
N ILE A 50 4.39 4.36 20.29
CA ILE A 50 4.64 3.10 21.01
C ILE A 50 3.62 2.96 22.15
N SER A 51 3.42 4.02 22.95
CA SER A 51 2.48 3.93 24.11
C SER A 51 1.05 3.72 23.63
N TRP A 52 0.75 4.33 22.50
CA TRP A 52 -0.54 4.15 21.81
C TRP A 52 -0.74 2.70 21.47
N ALA A 53 0.18 2.13 20.68
CA ALA A 53 0.10 0.71 20.29
C ALA A 53 -0.13 -0.23 21.48
N LYS A 54 0.53 0.08 22.59
CA LYS A 54 0.51 -0.78 23.76
C LYS A 54 -0.82 -0.74 24.44
N LYS A 55 -1.61 0.29 24.11
CA LYS A 55 -2.93 0.37 24.67
C LYS A 55 -4.01 -0.34 23.84
N ILE A 56 -3.66 -0.81 22.65
CA ILE A 56 -4.60 -1.55 21.82
C ILE A 56 -4.71 -2.95 22.40
N PRO A 57 -5.92 -3.39 22.74
CA PRO A 57 -6.06 -4.67 23.47
C PRO A 57 -5.44 -5.84 22.71
N GLY A 58 -4.58 -6.62 23.37
CA GLY A 58 -3.97 -7.77 22.72
C GLY A 58 -2.56 -7.45 22.25
N PHE A 59 -2.30 -6.19 21.90
CA PHE A 59 -0.99 -5.85 21.32
C PHE A 59 0.17 -6.34 22.14
N VAL A 60 0.15 -6.07 23.46
N VAL A 60 0.15 -6.06 23.46
CA VAL A 60 1.28 -6.43 24.32
CA VAL A 60 1.30 -6.42 24.26
C VAL A 60 1.31 -7.93 24.65
C VAL A 60 1.42 -7.94 24.41
N GLU A 61 0.30 -8.65 24.20
CA GLU A 61 0.23 -10.16 24.31
C GLU A 61 0.89 -10.80 23.08
N LEU A 62 1.07 -10.02 22.01
CA LEU A 62 1.78 -10.57 20.88
C LEU A 62 3.22 -10.75 21.33
N SER A 63 3.99 -11.54 20.61
CA SER A 63 5.37 -11.74 20.92
C SER A 63 6.11 -10.44 20.63
N LEU A 64 7.10 -10.12 21.46
CA LEU A 64 7.99 -9.00 21.23
C LEU A 64 8.32 -8.82 19.75
N PHE A 65 8.68 -9.89 19.02
CA PHE A 65 9.11 -9.72 17.63
C PHE A 65 7.98 -9.20 16.79
N ASP A 66 6.78 -9.66 17.11
CA ASP A 66 5.62 -9.28 16.32
C ASP A 66 5.30 -7.82 16.60
N GLN A 67 5.29 -7.45 17.86
CA GLN A 67 5.16 -6.03 18.22
C GLN A 67 6.16 -5.13 17.41
N VAL A 68 7.43 -5.47 17.49
CA VAL A 68 8.47 -4.72 16.81
C VAL A 68 8.21 -4.71 15.30
N ARG A 69 7.87 -5.86 14.76
CA ARG A 69 7.79 -5.94 13.35
C ARG A 69 6.61 -5.15 12.80
N LEU A 70 5.49 -5.17 13.50
CA LEU A 70 4.33 -4.31 13.08
C LEU A 70 4.62 -2.84 13.18
N LEU A 71 5.22 -2.40 14.28
CA LEU A 71 5.61 -0.99 14.42
C LEU A 71 6.67 -0.57 13.38
N GLU A 72 7.70 -1.39 13.08
CA GLU A 72 8.67 -1.02 12.04
C GLU A 72 7.99 -0.91 10.70
N SER A 73 6.99 -1.74 10.52
CA SER A 73 6.35 -1.75 9.21
C SER A 73 5.36 -0.56 8.99
N CYS A 74 4.64 -0.15 10.02
CA CYS A 74 3.54 0.80 9.84
C CYS A 74 3.79 2.26 10.34
N TRP A 75 4.94 2.59 10.97
CA TRP A 75 5.04 3.87 11.71
C TRP A 75 4.84 5.11 10.83
N MET A 76 5.43 5.11 9.65
CA MET A 76 5.18 6.26 8.78
C MET A 76 3.70 6.33 8.34
N GLU A 77 3.11 5.20 7.99
CA GLU A 77 1.67 5.16 7.67
C GLU A 77 0.81 5.77 8.81
N VAL A 78 1.16 5.43 10.06
CA VAL A 78 0.41 5.91 11.23
C VAL A 78 0.69 7.40 11.45
N LEU A 79 1.92 7.84 11.33
CA LEU A 79 2.19 9.31 11.36
C LEU A 79 1.33 10.01 10.32
N MET A 80 1.30 9.47 9.11
CA MET A 80 0.56 10.11 8.03
C MET A 80 -0.92 10.08 8.24
N MET A 81 -1.44 8.97 8.74
CA MET A 81 -2.84 8.91 8.94
C MET A 81 -3.29 9.90 10.02
N GLY A 82 -2.52 10.02 11.09
CA GLY A 82 -2.83 11.02 12.18
C GLY A 82 -2.71 12.44 11.60
N LEU A 83 -1.68 12.72 10.80
CA LEU A 83 -1.60 14.03 10.05
C LEU A 83 -2.84 14.34 9.19
N MET A 84 -3.28 13.35 8.43
CA MET A 84 -4.43 13.52 7.54
C MET A 84 -5.70 13.84 8.35
N TRP A 85 -5.91 13.11 9.44
CA TRP A 85 -7.06 13.36 10.33
C TRP A 85 -6.99 14.82 10.86
N ARG A 86 -5.81 15.25 11.34
CA ARG A 86 -5.69 16.62 11.81
C ARG A 86 -6.00 17.61 10.74
N SER A 87 -5.72 17.29 9.50
CA SER A 87 -5.77 18.26 8.39
C SER A 87 -7.13 18.25 7.65
N ILE A 88 -8.03 17.34 8.04
CA ILE A 88 -9.16 16.92 7.21
C ILE A 88 -10.03 18.12 6.84
N ASP A 89 -10.21 19.03 7.79
CA ASP A 89 -11.08 20.18 7.64
C ASP A 89 -10.38 21.40 7.07
N HIS A 90 -9.11 21.27 6.66
CA HIS A 90 -8.33 22.44 6.20
C HIS A 90 -7.70 22.22 4.82
N PRO A 91 -8.50 22.33 3.75
CA PRO A 91 -8.03 22.03 2.39
C PRO A 91 -6.79 22.83 2.09
N GLY A 92 -5.81 22.26 1.36
CA GLY A 92 -4.61 23.04 0.96
C GLY A 92 -3.57 23.18 2.09
N LYS A 93 -3.90 22.68 3.28
CA LYS A 93 -2.97 22.72 4.41
C LYS A 93 -2.71 21.36 5.07
N LEU A 94 -1.50 21.25 5.63
CA LEU A 94 -1.10 20.08 6.40
C LEU A 94 -0.85 20.55 7.85
N ILE A 95 -1.68 20.05 8.76
CA ILE A 95 -1.65 20.50 10.15
C ILE A 95 -0.70 19.57 10.88
N PHE A 96 0.60 19.85 10.77
CA PHE A 96 1.60 19.01 11.45
C PHE A 96 1.50 19.15 12.95
N ALA A 97 1.33 20.39 13.43
CA ALA A 97 1.07 20.67 14.84
C ALA A 97 0.32 22.01 14.88
N PRO A 98 -0.29 22.35 16.06
CA PRO A 98 -1.10 23.58 16.11
C PRO A 98 -0.32 24.78 15.63
N ASP A 99 0.99 24.82 15.85
CA ASP A 99 1.82 25.93 15.48
C ASP A 99 2.78 25.56 14.34
N LEU A 100 2.50 24.46 13.64
CA LEU A 100 3.26 24.17 12.41
C LEU A 100 2.24 23.72 11.34
N VAL A 101 1.62 24.72 10.70
CA VAL A 101 0.60 24.48 9.69
C VAL A 101 1.22 24.85 8.34
N LEU A 102 1.54 23.86 7.53
CA LEU A 102 2.22 24.11 6.23
C LEU A 102 1.19 24.18 5.11
N ASP A 103 1.25 25.29 4.39
CA ASP A 103 0.55 25.41 3.11
C ASP A 103 1.17 24.46 2.10
N ARG A 104 0.38 23.94 1.17
CA ARG A 104 0.88 22.98 0.17
C ARG A 104 2.13 23.55 -0.50
N ASP A 105 2.11 24.81 -0.91
CA ASP A 105 3.28 25.34 -1.60
C ASP A 105 4.61 25.32 -0.82
N GLU A 106 4.53 25.26 0.51
CA GLU A 106 5.72 25.22 1.30
C GLU A 106 6.54 23.96 1.10
N GLY A 107 5.92 22.88 0.65
CA GLY A 107 6.74 21.70 0.27
C GLY A 107 7.81 21.96 -0.81
N LYS A 108 7.64 23.01 -1.61
CA LYS A 108 8.63 23.38 -2.63
C LYS A 108 9.97 23.70 -1.99
N CYS A 109 9.95 24.00 -0.70
CA CYS A 109 11.15 24.30 0.06
C CYS A 109 12.18 23.16 0.06
N VAL A 110 11.73 21.90 -0.05
CA VAL A 110 12.58 20.72 0.08
C VAL A 110 12.37 19.84 -1.17
N GLU A 111 13.45 19.59 -1.92
N GLU A 111 13.41 19.65 -1.95
CA GLU A 111 13.41 18.74 -3.13
CA GLU A 111 13.24 18.87 -3.16
C GLU A 111 12.78 17.37 -2.86
C GLU A 111 12.73 17.46 -2.85
N GLY A 112 11.74 17.04 -3.61
CA GLY A 112 11.06 15.73 -3.46
C GLY A 112 9.85 15.74 -2.50
N ILE A 113 9.68 16.79 -1.69
CA ILE A 113 8.61 16.75 -0.67
C ILE A 113 7.22 17.25 -1.17
N LEU A 114 7.18 18.09 -2.22
CA LEU A 114 5.91 18.58 -2.76
C LEU A 114 5.03 17.41 -3.18
N GLU A 115 5.66 16.41 -3.82
CA GLU A 115 4.88 15.27 -4.31
C GLU A 115 4.24 14.56 -3.11
N ILE A 116 5.04 14.33 -2.07
CA ILE A 116 4.49 13.71 -0.84
C ILE A 116 3.34 14.55 -0.22
N PHE A 117 3.50 15.88 -0.16
CA PHE A 117 2.46 16.73 0.34
C PHE A 117 1.21 16.56 -0.51
N ASP A 118 1.40 16.48 -1.83
CA ASP A 118 0.26 16.35 -2.75
C ASP A 118 -0.49 15.05 -2.57
N MET A 119 0.26 13.97 -2.35
CA MET A 119 -0.34 12.65 -2.07
C MET A 119 -1.13 12.71 -0.77
N LEU A 120 -0.49 13.28 0.26
CA LEU A 120 -1.13 13.42 1.59
C LEU A 120 -2.39 14.30 1.49
N LEU A 121 -2.28 15.43 0.82
CA LEU A 121 -3.45 16.29 0.57
C LEU A 121 -4.54 15.65 -0.25
N ALA A 122 -4.22 14.87 -1.29
CA ALA A 122 -5.30 14.24 -2.04
C ALA A 122 -5.98 13.17 -1.19
N THR A 123 -5.22 12.39 -0.45
CA THR A 123 -5.83 11.33 0.38
C THR A 123 -6.68 11.96 1.44
N THR A 124 -6.18 13.06 2.05
CA THR A 124 -7.02 13.84 3.01
C THR A 124 -8.35 14.37 2.38
N SER A 125 -8.29 14.94 1.17
CA SER A 125 -9.51 15.35 0.45
C SER A 125 -10.45 14.19 0.18
N ARG A 126 -9.92 13.02 -0.17
CA ARG A 126 -10.83 11.83 -0.34
C ARG A 126 -11.52 11.46 0.99
N PHE A 127 -10.75 11.47 2.09
CA PHE A 127 -11.38 11.22 3.40
C PHE A 127 -12.43 12.34 3.71
N ARG A 128 -12.11 13.60 3.33
CA ARG A 128 -13.09 14.71 3.55
C ARG A 128 -14.36 14.49 2.73
N GLU A 129 -14.19 14.05 1.48
CA GLU A 129 -15.31 13.84 0.58
C GLU A 129 -16.22 12.70 1.09
N LEU A 130 -15.60 11.67 1.63
CA LEU A 130 -16.31 10.55 2.27
C LEU A 130 -16.88 10.92 3.64
N LYS A 131 -16.50 12.07 4.18
CA LYS A 131 -16.98 12.48 5.52
C LYS A 131 -16.61 11.46 6.59
N LEU A 132 -15.32 11.11 6.58
CA LEU A 132 -14.76 10.20 7.57
C LEU A 132 -15.11 10.63 8.97
N GLN A 133 -15.69 9.71 9.71
CA GLN A 133 -16.06 9.99 11.11
C GLN A 133 -14.93 9.61 12.07
N HIS A 134 -14.89 10.31 13.22
CA HIS A 134 -13.85 10.07 14.21
C HIS A 134 -13.67 8.58 14.55
N LYS A 135 -14.78 7.89 14.75
CA LYS A 135 -14.71 6.48 15.11
C LYS A 135 -14.31 5.60 13.96
N GLU A 136 -14.62 5.98 12.74
CA GLU A 136 -14.04 5.28 11.60
C GLU A 136 -12.49 5.46 11.51
N TYR A 137 -12.02 6.71 11.70
CA TYR A 137 -10.56 6.97 11.75
C TYR A 137 -9.86 6.19 12.84
N LEU A 138 -10.50 6.07 14.01
CA LEU A 138 -9.88 5.25 15.06
C LEU A 138 -9.65 3.78 14.62
N CYS A 139 -10.66 3.18 14.00
CA CYS A 139 -10.57 1.79 13.56
C CYS A 139 -9.57 1.62 12.42
N VAL A 140 -9.58 2.56 11.46
CA VAL A 140 -8.70 2.45 10.29
C VAL A 140 -7.23 2.59 10.75
N LYS A 141 -6.98 3.51 11.69
CA LYS A 141 -5.60 3.73 12.13
C LYS A 141 -5.03 2.48 12.84
N ALA A 142 -5.88 1.87 13.69
CA ALA A 142 -5.57 0.60 14.33
C ALA A 142 -5.45 -0.53 13.26
N MET A 143 -6.29 -0.49 12.23
CA MET A 143 -6.16 -1.51 11.15
C MET A 143 -4.79 -1.37 10.44
N ILE A 144 -4.35 -0.13 10.26
CA ILE A 144 -3.01 0.13 9.71
C ILE A 144 -1.91 -0.54 10.52
N LEU A 145 -1.96 -0.36 11.83
CA LEU A 145 -0.95 -1.01 12.71
C LEU A 145 -1.01 -2.51 12.48
N LEU A 146 -2.23 -3.06 12.53
CA LEU A 146 -2.32 -4.49 12.59
C LEU A 146 -2.23 -5.24 11.25
N ASN A 147 -2.41 -4.51 10.13
CA ASN A 147 -2.48 -5.09 8.79
C ASN A 147 -1.17 -5.05 7.98
N SER A 148 -0.05 -5.28 8.59
CA SER A 148 1.11 -5.49 7.74
C SER A 148 1.34 -6.95 7.20
N SER A 149 1.99 -7.11 6.02
CA SER A 149 2.49 -8.45 5.61
C SER A 149 3.31 -8.84 6.74
N MET A 150 3.31 -10.12 7.07
CA MET A 150 4.29 -10.61 8.06
C MET A 150 5.33 -11.65 7.50
N TYR A 151 4.92 -12.41 6.50
CA TYR A 151 5.59 -13.67 6.27
C TYR A 151 6.16 -14.29 7.53
N PRO A 152 6.00 -15.61 7.71
CA PRO A 152 6.75 -16.19 8.85
C PRO A 152 8.15 -15.49 9.04
N LEU A 153 8.47 -15.09 10.27
CA LEU A 153 9.84 -14.80 10.67
C LEU A 153 10.40 -16.06 11.26
N VAL A 154 11.72 -16.19 11.28
CA VAL A 154 12.25 -17.27 12.06
C VAL A 154 12.79 -16.62 13.33
N THR A 155 12.12 -16.90 14.45
CA THR A 155 12.55 -16.35 15.73
C THR A 155 13.08 -17.47 16.61
N ASP A 161 1.73 -19.04 18.07
CA ASP A 161 0.36 -18.56 18.29
C ASP A 161 0.21 -17.02 18.33
N SER A 162 1.33 -16.31 18.17
CA SER A 162 1.25 -14.87 18.06
C SER A 162 0.47 -14.51 16.78
N SER A 163 0.79 -15.17 15.69
CA SER A 163 0.15 -14.87 14.40
C SER A 163 -1.35 -15.14 14.41
N ARG A 164 -1.80 -16.13 15.20
CA ARG A 164 -3.25 -16.34 15.30
C ARG A 164 -3.85 -15.26 16.19
N LYS A 165 -3.12 -14.91 17.24
CA LYS A 165 -3.50 -13.78 18.07
C LYS A 165 -3.60 -12.47 17.23
N LEU A 166 -2.65 -12.25 16.34
CA LEU A 166 -2.71 -11.07 15.42
C LEU A 166 -3.99 -11.15 14.55
N ALA A 167 -4.27 -12.33 13.98
CA ALA A 167 -5.44 -12.42 13.12
C ALA A 167 -6.70 -12.08 13.88
N HIS A 168 -6.88 -12.62 15.09
CA HIS A 168 -8.08 -12.35 15.95
C HIS A 168 -8.26 -10.83 16.20
N LEU A 169 -7.14 -10.19 16.52
CA LEU A 169 -7.13 -8.74 16.78
C LEU A 169 -7.61 -7.92 15.58
N LEU A 170 -6.94 -8.10 14.46
CA LEU A 170 -7.31 -7.45 13.22
C LEU A 170 -8.78 -7.72 12.85
N ASN A 171 -9.18 -8.98 12.97
CA ASN A 171 -10.60 -9.31 12.88
C ASN A 171 -11.50 -8.47 13.71
N ALA A 172 -11.23 -8.42 15.01
CA ALA A 172 -12.06 -7.59 15.93
C ALA A 172 -12.09 -6.12 15.49
N VAL A 173 -10.91 -5.55 15.17
CA VAL A 173 -10.91 -4.16 14.67
C VAL A 173 -11.75 -4.01 13.37
N THR A 174 -11.58 -4.92 12.43
CA THR A 174 -12.41 -4.84 11.25
C THR A 174 -13.91 -4.96 11.56
N ASP A 175 -14.29 -5.88 12.48
CA ASP A 175 -15.68 -5.92 12.98
C ASP A 175 -16.18 -4.61 13.57
N ALA A 176 -15.30 -3.97 14.34
CA ALA A 176 -15.66 -2.72 15.01
C ALA A 176 -15.95 -1.66 13.93
N LEU A 177 -15.16 -1.65 12.87
CA LEU A 177 -15.38 -0.67 11.80
C LEU A 177 -16.72 -0.90 11.05
N VAL A 178 -16.96 -2.15 10.65
CA VAL A 178 -18.28 -2.57 10.13
C VAL A 178 -19.42 -2.12 11.06
N TRP A 179 -19.25 -2.35 12.36
CA TRP A 179 -20.26 -1.92 13.41
C TRP A 179 -20.41 -0.39 13.46
N VAL A 180 -19.28 0.33 13.42
CA VAL A 180 -19.39 1.81 13.31
C VAL A 180 -20.19 2.20 12.03
N ILE A 181 -19.80 1.63 10.90
CA ILE A 181 -20.49 2.01 9.66
C ILE A 181 -21.99 1.72 9.73
N ALA A 182 -22.38 0.58 10.33
CA ALA A 182 -23.81 0.26 10.47
C ALA A 182 -24.64 1.30 11.24
N LYS A 183 -23.99 2.15 12.04
CA LYS A 183 -24.72 3.20 12.76
C LYS A 183 -25.31 4.24 11.87
N SER A 184 -24.76 4.42 10.68
CA SER A 184 -25.23 5.49 9.81
C SER A 184 -26.62 5.19 9.26
N GLY A 185 -27.02 3.92 9.28
CA GLY A 185 -28.35 3.55 8.84
C GLY A 185 -28.47 3.32 7.34
N ILE A 186 -27.48 3.73 6.56
CA ILE A 186 -27.60 3.67 5.10
C ILE A 186 -27.83 2.23 4.58
N SER A 187 -28.10 2.11 3.27
CA SER A 187 -28.43 0.82 2.69
C SER A 187 -27.30 -0.16 2.83
N SER A 188 -27.66 -1.44 2.94
CA SER A 188 -26.71 -2.52 2.99
C SER A 188 -25.65 -2.41 1.90
N GLN A 189 -26.09 -2.05 0.71
CA GLN A 189 -25.19 -1.89 -0.40
C GLN A 189 -24.25 -0.70 -0.20
N GLN A 190 -24.80 0.40 0.34
CA GLN A 190 -24.00 1.57 0.64
C GLN A 190 -23.03 1.37 1.79
N GLN A 191 -23.34 0.46 2.71
CA GLN A 191 -22.43 0.15 3.80
C GLN A 191 -21.26 -0.64 3.26
N SER A 192 -21.51 -1.47 2.24
CA SER A 192 -20.46 -2.26 1.59
C SER A 192 -19.59 -1.31 0.79
N MET A 193 -20.23 -0.43 0.02
CA MET A 193 -19.46 0.55 -0.73
C MET A 193 -18.56 1.42 0.19
N ARG A 194 -19.10 1.91 1.31
CA ARG A 194 -18.31 2.76 2.21
C ARG A 194 -17.10 1.98 2.78
N LEU A 195 -17.33 0.74 3.17
CA LEU A 195 -16.23 -0.07 3.69
C LEU A 195 -15.11 -0.18 2.65
N ALA A 196 -15.51 -0.49 1.43
CA ALA A 196 -14.58 -0.61 0.32
C ALA A 196 -13.85 0.71 0.09
N ASN A 197 -14.61 1.80 0.04
CA ASN A 197 -13.99 3.10 -0.17
C ASN A 197 -12.97 3.44 0.91
N LEU A 198 -13.32 3.20 2.16
CA LEU A 198 -12.35 3.41 3.21
C LEU A 198 -11.13 2.53 3.03
N LEU A 199 -11.32 1.23 2.79
CA LEU A 199 -10.17 0.28 2.80
C LEU A 199 -9.30 0.47 1.60
N MET A 200 -9.92 0.85 0.50
CA MET A 200 -9.13 1.07 -0.72
C MET A 200 -8.15 2.21 -0.50
N LEU A 201 -8.42 3.07 0.47
CA LEU A 201 -7.54 4.18 0.78
C LEU A 201 -6.27 3.73 1.55
N LEU A 202 -6.32 2.52 2.13
CA LEU A 202 -5.16 1.96 2.82
C LEU A 202 -3.89 1.82 1.93
N SER A 203 -4.10 1.35 0.71
CA SER A 203 -3.16 1.42 -0.41
C SER A 203 -2.56 2.79 -0.60
N HIS A 204 -3.38 3.85 -0.64
CA HIS A 204 -2.86 5.22 -0.86
C HIS A 204 -1.95 5.63 0.28
N VAL A 205 -2.35 5.27 1.52
CA VAL A 205 -1.54 5.56 2.73
C VAL A 205 -0.24 4.77 2.65
N ARG A 206 -0.31 3.50 2.27
CA ARG A 206 0.93 2.73 2.19
C ARG A 206 1.83 3.37 1.13
N HIS A 207 1.23 3.78 0.03
CA HIS A 207 2.01 4.30 -1.10
C HIS A 207 2.73 5.60 -0.68
N ALA A 208 2.01 6.59 -0.12
CA ALA A 208 2.62 7.77 0.46
C ALA A 208 3.70 7.44 1.50
N SER A 209 3.43 6.44 2.33
CA SER A 209 4.36 6.01 3.35
C SER A 209 5.66 5.58 2.72
N ASN A 210 5.55 4.84 1.62
CA ASN A 210 6.74 4.36 0.94
C ASN A 210 7.56 5.53 0.43
N LYS A 211 6.88 6.54 -0.13
CA LYS A 211 7.58 7.70 -0.72
C LYS A 211 8.24 8.53 0.42
N GLY A 212 7.51 8.69 1.52
CA GLY A 212 8.06 9.34 2.70
C GLY A 212 9.34 8.68 3.27
N MET A 213 9.27 7.36 3.49
CA MET A 213 10.44 6.58 3.95
C MET A 213 11.68 6.76 3.08
N GLU A 214 11.48 6.69 1.78
CA GLU A 214 12.56 6.71 0.80
C GLU A 214 13.15 8.14 0.86
N HIS A 215 12.28 9.16 0.94
CA HIS A 215 12.73 10.53 1.07
C HIS A 215 13.66 10.70 2.25
N LEU A 216 13.16 10.29 3.41
CA LEU A 216 13.95 10.30 4.62
C LEU A 216 15.24 9.44 4.60
N LEU A 217 15.19 8.28 3.98
CA LEU A 217 16.41 7.44 3.88
C LEU A 217 17.48 8.09 3.01
N ASN A 218 17.06 8.65 1.90
CA ASN A 218 17.91 9.45 1.04
C ASN A 218 18.41 10.76 1.71
N MET A 219 17.52 11.58 2.32
CA MET A 219 17.94 12.83 3.01
C MET A 219 19.07 12.43 3.94
N LYS A 220 18.88 11.30 4.63
CA LYS A 220 19.81 10.89 5.66
C LYS A 220 21.19 10.55 5.09
N CYS A 221 21.17 10.01 3.86
CA CYS A 221 22.37 9.82 3.02
C CYS A 221 23.10 11.14 2.80
N LYS A 222 22.41 12.06 2.15
CA LYS A 222 22.95 13.39 1.83
C LYS A 222 23.40 14.20 3.05
N ASN A 223 23.27 13.66 4.27
CA ASN A 223 23.27 14.50 5.53
C ASN A 223 22.59 15.86 5.34
N VAL A 224 21.36 15.86 4.74
CA VAL A 224 20.59 17.13 4.51
C VAL A 224 19.86 17.46 5.80
N VAL A 225 19.75 16.43 6.64
CA VAL A 225 19.32 16.49 8.00
C VAL A 225 20.08 15.45 8.85
N PRO A 226 20.55 15.84 10.04
CA PRO A 226 20.89 14.83 11.05
C PRO A 226 19.63 14.27 11.72
N VAL A 227 19.55 12.96 11.83
CA VAL A 227 18.39 12.34 12.47
C VAL A 227 18.83 11.66 13.79
N TYR A 228 17.93 11.69 14.79
CA TYR A 228 18.30 11.17 16.06
C TYR A 228 17.43 10.08 16.63
N ASP A 229 18.05 9.31 17.51
CA ASP A 229 17.36 8.48 18.47
C ASP A 229 16.39 7.48 17.83
N LEU A 230 15.13 7.64 18.16
CA LEU A 230 14.13 6.61 17.85
C LEU A 230 13.92 6.61 16.35
N LEU A 231 13.74 7.81 15.81
CA LEU A 231 13.63 8.00 14.36
C LEU A 231 14.83 7.40 13.59
N LEU A 232 16.05 7.75 13.99
CA LEU A 232 17.27 7.17 13.40
C LEU A 232 17.23 5.63 13.48
N GLU A 233 16.94 5.12 14.67
CA GLU A 233 16.84 3.68 14.84
C GLU A 233 15.82 3.04 13.88
N MET A 234 14.61 3.61 13.83
CA MET A 234 13.56 3.06 12.98
C MET A 234 13.99 3.04 11.52
N LEU A 235 14.63 4.12 11.09
CA LEU A 235 15.19 4.23 9.74
C LEU A 235 16.36 3.26 9.43
N ASN A 236 17.32 3.17 10.34
CA ASN A 236 18.42 2.21 10.22
C ASN A 236 17.89 0.81 9.81
N ALA A 237 16.62 0.56 10.15
CA ALA A 237 15.74 -0.37 9.41
C ALA A 237 15.40 -1.55 10.29
N SER B 4 -22.72 -2.89 -15.37
CA SER B 4 -23.61 -3.85 -14.66
C SER B 4 -22.84 -5.13 -14.35
N PRO B 5 -23.03 -5.73 -13.14
CA PRO B 5 -22.04 -6.64 -12.54
C PRO B 5 -21.71 -7.86 -13.35
N GLU B 6 -22.72 -8.61 -13.80
CA GLU B 6 -22.51 -9.86 -14.54
C GLU B 6 -21.76 -9.62 -15.86
N GLN B 7 -22.15 -8.57 -16.55
CA GLN B 7 -21.52 -8.23 -17.79
C GLN B 7 -20.11 -7.68 -17.50
N LEU B 8 -19.95 -6.88 -16.45
CA LEU B 8 -18.63 -6.29 -16.15
C LEU B 8 -17.63 -7.42 -15.93
N VAL B 9 -18.06 -8.41 -15.16
CA VAL B 9 -17.19 -9.52 -14.74
C VAL B 9 -16.78 -10.36 -16.00
N LEU B 10 -17.74 -10.49 -16.90
CA LEU B 10 -17.51 -11.26 -18.11
C LEU B 10 -16.52 -10.50 -18.99
N THR B 11 -16.64 -9.16 -19.05
CA THR B 11 -15.67 -8.35 -19.79
C THR B 11 -14.23 -8.50 -19.25
N LEU B 12 -14.10 -8.48 -17.92
CA LEU B 12 -12.81 -8.62 -17.25
C LEU B 12 -12.26 -10.02 -17.54
N LEU B 13 -13.15 -11.02 -17.44
CA LEU B 13 -12.78 -12.39 -17.80
C LEU B 13 -12.23 -12.49 -19.25
N GLU B 14 -12.92 -11.86 -20.20
CA GLU B 14 -12.51 -11.87 -21.59
C GLU B 14 -11.28 -11.02 -21.84
N ALA B 15 -11.00 -10.07 -20.94
CA ALA B 15 -9.86 -9.17 -21.08
C ALA B 15 -8.50 -9.80 -20.68
N GLU B 16 -8.53 -10.96 -20.02
CA GLU B 16 -7.31 -11.53 -19.38
C GLU B 16 -6.18 -11.63 -20.38
N PRO B 17 -4.97 -11.17 -19.99
CA PRO B 17 -3.82 -11.25 -20.91
C PRO B 17 -3.39 -12.68 -21.12
N PRO B 18 -2.75 -12.99 -22.24
CA PRO B 18 -2.15 -14.32 -22.42
C PRO B 18 -1.03 -14.54 -21.38
N HIS B 19 -0.70 -15.79 -21.07
CA HIS B 19 0.45 -16.08 -20.21
C HIS B 19 1.70 -15.93 -21.10
N VAL B 20 2.65 -15.09 -20.73
CA VAL B 20 3.84 -14.98 -21.55
C VAL B 20 4.77 -16.14 -21.28
N LEU B 21 5.26 -16.81 -22.31
CA LEU B 21 6.16 -17.92 -22.10
C LEU B 21 7.60 -17.49 -22.06
N ILE B 22 8.34 -18.02 -21.10
CA ILE B 22 9.77 -17.80 -21.01
C ILE B 22 10.39 -19.05 -20.36
N SER B 23 11.64 -19.37 -20.68
CA SER B 23 12.28 -20.56 -20.09
C SER B 23 13.49 -20.16 -19.24
N ARG B 24 13.88 -21.00 -18.26
CA ARG B 24 15.15 -20.83 -17.52
C ARG B 24 16.34 -20.86 -18.54
N PRO B 25 17.42 -20.07 -18.32
CA PRO B 25 18.58 -20.33 -19.23
C PRO B 25 19.16 -21.76 -19.07
N SER B 26 19.91 -22.23 -20.07
CA SER B 26 20.74 -23.45 -20.00
C SER B 26 21.68 -23.53 -18.78
N ALA B 27 22.50 -22.52 -18.65
CA ALA B 27 23.53 -22.36 -17.59
C ALA B 27 22.84 -22.11 -16.24
N PRO B 28 23.50 -22.51 -15.11
CA PRO B 28 23.00 -22.16 -13.76
C PRO B 28 22.75 -20.67 -13.68
N PHE B 29 21.73 -20.28 -12.92
CA PHE B 29 21.45 -18.88 -12.73
C PHE B 29 22.64 -18.17 -12.13
N THR B 30 22.87 -16.95 -12.59
CA THR B 30 23.66 -15.98 -11.81
C THR B 30 22.74 -14.82 -11.43
N GLU B 31 23.21 -13.88 -10.61
CA GLU B 31 22.46 -12.69 -10.30
C GLU B 31 22.02 -11.97 -11.55
N ALA B 32 22.97 -11.79 -12.48
CA ALA B 32 22.68 -11.19 -13.76
C ALA B 32 21.63 -11.95 -14.59
N SER B 33 21.81 -13.25 -14.74
CA SER B 33 20.89 -13.98 -15.64
C SER B 33 19.51 -14.15 -15.04
N MET B 34 19.41 -14.22 -13.72
CA MET B 34 18.08 -14.23 -13.12
C MET B 34 17.36 -12.91 -13.36
N MET B 35 18.02 -11.78 -13.07
CA MET B 35 17.44 -10.48 -13.37
C MET B 35 17.09 -10.31 -14.85
N MET B 36 17.87 -10.93 -15.70
CA MET B 36 17.56 -10.79 -17.09
C MET B 36 16.27 -11.50 -17.46
N SER B 37 16.14 -12.74 -16.97
CA SER B 37 14.96 -13.50 -17.18
C SER B 37 13.73 -12.74 -16.65
N LEU B 38 13.78 -12.27 -15.40
CA LEU B 38 12.58 -11.64 -14.82
C LEU B 38 12.20 -10.32 -15.50
N THR B 39 13.19 -9.52 -15.89
CA THR B 39 12.88 -8.22 -16.58
C THR B 39 12.42 -8.44 -18.01
N LYS B 40 13.04 -9.40 -18.70
CA LYS B 40 12.59 -9.78 -20.02
C LYS B 40 11.10 -10.19 -20.01
N LEU B 41 10.71 -11.00 -19.01
CA LEU B 41 9.31 -11.44 -18.78
C LEU B 41 8.46 -10.19 -18.48
N ALA B 42 8.95 -9.33 -17.60
CA ALA B 42 8.18 -8.18 -17.14
C ALA B 42 7.91 -7.22 -18.32
N ASP B 43 8.93 -6.99 -19.14
CA ASP B 43 8.78 -6.14 -20.32
C ASP B 43 7.68 -6.62 -21.24
N LYS B 44 7.66 -7.93 -21.53
CA LYS B 44 6.67 -8.48 -22.42
C LYS B 44 5.27 -8.50 -21.80
N GLU B 45 5.17 -8.79 -20.54
CA GLU B 45 3.88 -8.73 -19.86
C GLU B 45 3.35 -7.29 -19.86
N LEU B 46 4.23 -6.32 -19.71
CA LEU B 46 3.79 -4.91 -19.77
C LEU B 46 3.08 -4.61 -21.11
N VAL B 47 3.62 -5.09 -22.24
CA VAL B 47 3.00 -4.87 -23.54
C VAL B 47 1.57 -5.41 -23.51
N HIS B 48 1.40 -6.59 -22.96
CA HIS B 48 0.08 -7.16 -22.88
C HIS B 48 -0.83 -6.52 -21.84
N MET B 49 -0.23 -5.98 -20.78
CA MET B 49 -1.04 -5.26 -19.79
C MET B 49 -1.76 -4.05 -20.43
N ILE B 50 -1.10 -3.42 -21.38
CA ILE B 50 -1.66 -2.23 -22.00
C ILE B 50 -2.96 -2.62 -22.72
N SER B 51 -2.89 -3.72 -23.51
CA SER B 51 -4.10 -4.25 -24.23
C SER B 51 -5.23 -4.70 -23.32
N TRP B 52 -4.85 -5.30 -22.21
CA TRP B 52 -5.78 -5.65 -21.15
C TRP B 52 -6.49 -4.41 -20.62
N ALA B 53 -5.74 -3.37 -20.23
CA ALA B 53 -6.35 -2.17 -19.60
C ALA B 53 -7.39 -1.58 -20.53
N LYS B 54 -7.09 -1.67 -21.82
CA LYS B 54 -7.89 -0.99 -22.81
C LYS B 54 -9.17 -1.75 -23.04
N LYS B 55 -9.20 -2.97 -22.54
CA LYS B 55 -10.40 -3.75 -22.65
C LYS B 55 -11.36 -3.55 -21.47
N ILE B 56 -10.92 -2.81 -20.46
CA ILE B 56 -11.76 -2.54 -19.33
C ILE B 56 -12.76 -1.41 -19.74
N PRO B 57 -14.05 -1.66 -19.57
CA PRO B 57 -15.08 -0.71 -20.06
C PRO B 57 -14.82 0.70 -19.46
N GLY B 58 -14.75 1.72 -20.30
CA GLY B 58 -14.55 3.08 -19.81
C GLY B 58 -13.09 3.53 -19.87
N PHE B 59 -12.15 2.60 -19.73
CA PHE B 59 -10.75 3.00 -19.61
C PHE B 59 -10.29 3.88 -20.74
N VAL B 60 -10.60 3.49 -21.99
CA VAL B 60 -10.13 4.31 -23.10
C VAL B 60 -10.87 5.67 -23.21
N GLU B 61 -12.03 5.80 -22.58
CA GLU B 61 -12.74 7.09 -22.53
C GLU B 61 -12.09 8.06 -21.53
N LEU B 62 -11.24 7.55 -20.64
CA LEU B 62 -10.54 8.45 -19.76
C LEU B 62 -9.60 9.26 -20.63
N SER B 63 -9.16 10.40 -20.13
CA SER B 63 -8.14 11.20 -20.80
C SER B 63 -6.83 10.44 -20.87
N LEU B 64 -6.08 10.63 -21.96
CA LEU B 64 -4.75 10.05 -22.11
C LEU B 64 -3.85 10.20 -20.88
N PHE B 65 -3.83 11.36 -20.22
CA PHE B 65 -2.97 11.49 -19.07
C PHE B 65 -3.44 10.56 -18.00
N ASP B 66 -4.76 10.32 -17.91
CA ASP B 66 -5.26 9.47 -16.80
C ASP B 66 -4.95 8.03 -17.09
N GLN B 67 -5.22 7.60 -18.30
CA GLN B 67 -4.80 6.26 -18.72
C GLN B 67 -3.31 6.01 -18.41
N VAL B 68 -2.47 6.96 -18.80
CA VAL B 68 -1.03 6.92 -18.53
C VAL B 68 -0.70 6.95 -17.03
N ARG B 69 -1.30 7.88 -16.29
CA ARG B 69 -1.05 7.99 -14.86
C ARG B 69 -1.38 6.69 -14.15
N LEU B 70 -2.52 6.09 -14.47
CA LEU B 70 -2.91 4.87 -13.75
C LEU B 70 -1.99 3.70 -14.02
N LEU B 71 -1.58 3.55 -15.29
CA LEU B 71 -0.69 2.44 -15.65
C LEU B 71 0.72 2.62 -15.09
N GLU B 72 1.26 3.83 -15.14
CA GLU B 72 2.55 4.13 -14.47
C GLU B 72 2.50 3.82 -13.00
N SER B 73 1.37 4.13 -12.39
CA SER B 73 1.22 3.89 -10.98
C SER B 73 1.06 2.39 -10.56
N CYS B 74 0.30 1.60 -11.29
CA CYS B 74 -0.02 0.27 -10.84
C CYS B 74 0.72 -0.89 -11.50
N TRP B 75 1.60 -0.68 -12.50
CA TRP B 75 2.03 -1.80 -13.34
C TRP B 75 2.71 -2.95 -12.59
N MET B 76 3.61 -2.59 -11.68
CA MET B 76 4.22 -3.63 -10.85
C MET B 76 3.17 -4.32 -9.99
N GLU B 77 2.24 -3.59 -9.41
CA GLU B 77 1.19 -4.27 -8.56
C GLU B 77 0.41 -5.26 -9.43
N VAL B 78 0.11 -4.85 -10.66
CA VAL B 78 -0.62 -5.71 -11.57
C VAL B 78 0.24 -6.89 -12.00
N LEU B 79 1.51 -6.67 -12.33
CA LEU B 79 2.39 -7.83 -12.58
C LEU B 79 2.34 -8.76 -11.37
N MET B 80 2.42 -8.21 -10.18
CA MET B 80 2.51 -9.08 -8.98
C MET B 80 1.22 -9.83 -8.73
N MET B 81 0.09 -9.15 -8.92
CA MET B 81 -1.17 -9.78 -8.67
C MET B 81 -1.39 -10.98 -9.63
N GLY B 82 -1.05 -10.79 -10.90
CA GLY B 82 -1.11 -11.88 -11.92
C GLY B 82 -0.17 -13.01 -11.48
N LEU B 83 1.04 -12.68 -11.01
CA LEU B 83 1.96 -13.76 -10.52
C LEU B 83 1.37 -14.53 -9.32
N MET B 84 0.77 -13.80 -8.37
CA MET B 84 0.25 -14.44 -7.18
C MET B 84 -0.91 -15.37 -7.57
N TRP B 85 -1.75 -14.92 -8.51
CA TRP B 85 -2.86 -15.77 -8.97
C TRP B 85 -2.34 -17.06 -9.62
N ARG B 86 -1.36 -16.96 -10.51
CA ARG B 86 -0.71 -18.17 -11.03
C ARG B 86 -0.10 -19.07 -10.01
N SER B 87 0.39 -18.53 -8.89
CA SER B 87 1.17 -19.33 -7.90
C SER B 87 0.27 -19.87 -6.74
N ILE B 88 -1.03 -19.54 -6.78
CA ILE B 88 -1.87 -19.63 -5.60
C ILE B 88 -1.92 -21.05 -5.09
N ASP B 89 -1.90 -22.01 -6.03
CA ASP B 89 -2.06 -23.42 -5.67
C ASP B 89 -0.72 -24.09 -5.46
N HIS B 90 0.37 -23.32 -5.52
CA HIS B 90 1.67 -23.89 -5.39
C HIS B 90 2.55 -23.33 -4.28
N PRO B 91 2.28 -23.66 -2.99
CA PRO B 91 3.03 -23.12 -1.85
C PRO B 91 4.53 -23.27 -2.05
N GLY B 92 5.28 -22.25 -1.67
CA GLY B 92 6.74 -22.30 -1.78
C GLY B 92 7.28 -22.05 -3.19
N LYS B 93 6.38 -21.87 -4.17
CA LYS B 93 6.81 -21.58 -5.55
C LYS B 93 6.20 -20.31 -6.13
N LEU B 94 6.95 -19.67 -7.03
CA LEU B 94 6.46 -18.51 -7.77
C LEU B 94 6.39 -18.91 -9.26
N ILE B 95 5.16 -18.99 -9.77
CA ILE B 95 4.96 -19.48 -11.15
C ILE B 95 5.09 -18.28 -12.11
N PHE B 96 6.30 -17.91 -12.47
CA PHE B 96 6.48 -16.69 -13.31
C PHE B 96 5.97 -16.99 -14.70
N ALA B 97 6.21 -18.22 -15.15
CA ALA B 97 5.70 -18.74 -16.42
C ALA B 97 5.72 -20.27 -16.31
N PRO B 98 4.99 -20.97 -17.22
CA PRO B 98 5.00 -22.45 -17.23
C PRO B 98 6.39 -23.09 -17.07
N ASP B 99 7.39 -22.50 -17.72
CA ASP B 99 8.70 -23.05 -17.75
C ASP B 99 9.67 -22.19 -16.92
N LEU B 100 9.13 -21.32 -16.06
CA LEU B 100 9.97 -20.51 -15.17
C LEU B 100 9.25 -20.52 -13.82
N VAL B 101 9.43 -21.63 -13.10
CA VAL B 101 8.80 -21.84 -11.80
C VAL B 101 9.93 -21.70 -10.79
N LEU B 102 9.99 -20.61 -10.03
CA LEU B 102 11.11 -20.44 -9.08
C LEU B 102 10.68 -20.89 -7.69
N ASP B 103 11.50 -21.80 -7.15
CA ASP B 103 11.44 -22.13 -5.72
C ASP B 103 11.82 -20.88 -4.92
N ARG B 104 11.23 -20.74 -3.74
CA ARG B 104 11.50 -19.61 -2.83
C ARG B 104 13.02 -19.41 -2.63
N ASP B 105 13.76 -20.49 -2.37
CA ASP B 105 15.19 -20.30 -2.08
C ASP B 105 15.98 -19.77 -3.29
N GLU B 106 15.43 -19.86 -4.49
CA GLU B 106 16.13 -19.35 -5.63
C GLU B 106 16.23 -17.84 -5.62
N GLY B 107 15.36 -17.15 -4.88
CA GLY B 107 15.61 -15.73 -4.75
C GLY B 107 16.95 -15.35 -4.09
N LYS B 108 17.59 -16.31 -3.41
CA LYS B 108 18.87 -16.05 -2.73
C LYS B 108 19.94 -15.72 -3.77
N CYS B 109 19.69 -16.05 -5.01
CA CYS B 109 20.77 -15.78 -5.93
C CYS B 109 20.86 -14.31 -6.38
N VAL B 110 19.82 -13.50 -6.09
CA VAL B 110 19.89 -12.05 -6.31
C VAL B 110 19.74 -11.29 -4.98
N GLU B 111 20.76 -10.51 -4.62
CA GLU B 111 20.76 -9.71 -3.38
C GLU B 111 19.49 -8.81 -3.37
N GLY B 112 18.72 -8.89 -2.29
CA GLY B 112 17.53 -8.03 -2.16
C GLY B 112 16.23 -8.69 -2.66
N ILE B 113 16.32 -9.77 -3.41
CA ILE B 113 15.14 -10.30 -4.04
C ILE B 113 14.39 -11.37 -3.20
N LEU B 114 15.09 -12.03 -2.28
CA LEU B 114 14.44 -13.03 -1.43
C LEU B 114 13.33 -12.41 -0.59
N GLU B 115 13.57 -11.20 -0.05
CA GLU B 115 12.52 -10.56 0.76
C GLU B 115 11.26 -10.31 -0.07
N ILE B 116 11.47 -9.85 -1.29
CA ILE B 116 10.37 -9.66 -2.22
C ILE B 116 9.58 -10.95 -2.55
N PHE B 117 10.31 -12.04 -2.76
CA PHE B 117 9.72 -13.34 -2.96
C PHE B 117 8.94 -13.73 -1.71
N ASP B 118 9.50 -13.44 -0.53
CA ASP B 118 8.81 -13.79 0.74
C ASP B 118 7.48 -13.03 0.88
N MET B 119 7.49 -11.76 0.50
CA MET B 119 6.28 -10.90 0.61
C MET B 119 5.22 -11.42 -0.38
N LEU B 120 5.69 -11.76 -1.59
CA LEU B 120 4.80 -12.28 -2.67
C LEU B 120 4.25 -13.61 -2.27
N LEU B 121 5.10 -14.48 -1.76
CA LEU B 121 4.61 -15.77 -1.25
C LEU B 121 3.66 -15.69 -0.06
N ALA B 122 3.90 -14.75 0.88
CA ALA B 122 3.01 -14.61 2.04
C ALA B 122 1.62 -14.11 1.60
N THR B 123 1.61 -13.11 0.72
CA THR B 123 0.35 -12.57 0.20
C THR B 123 -0.42 -13.63 -0.59
N THR B 124 0.30 -14.37 -1.45
CA THR B 124 -0.31 -15.50 -2.13
C THR B 124 -0.87 -16.54 -1.12
N SER B 125 -0.11 -16.88 -0.07
CA SER B 125 -0.71 -17.79 0.97
C SER B 125 -1.98 -17.22 1.61
N ARG B 126 -2.02 -15.92 1.87
CA ARG B 126 -3.27 -15.33 2.44
C ARG B 126 -4.43 -15.47 1.44
N PHE B 127 -4.15 -15.14 0.15
CA PHE B 127 -5.21 -15.40 -0.87
C PHE B 127 -5.64 -16.89 -0.91
N ARG B 128 -4.68 -17.84 -0.82
CA ARG B 128 -5.03 -19.30 -0.80
C ARG B 128 -5.90 -19.66 0.45
N GLU B 129 -5.56 -19.06 1.57
CA GLU B 129 -6.20 -19.39 2.84
C GLU B 129 -7.64 -18.78 2.83
N LEU B 130 -7.80 -17.64 2.19
CA LEU B 130 -9.11 -17.08 1.94
C LEU B 130 -9.84 -17.78 0.78
N LYS B 131 -9.16 -18.66 0.05
CA LYS B 131 -9.82 -19.35 -1.09
C LYS B 131 -10.33 -18.37 -2.10
N LEU B 132 -9.44 -17.45 -2.49
CA LEU B 132 -9.75 -16.46 -3.47
C LEU B 132 -10.33 -17.10 -4.71
N GLN B 133 -11.48 -16.62 -5.18
CA GLN B 133 -12.10 -17.16 -6.40
C GLN B 133 -11.66 -16.37 -7.63
N HIS B 134 -11.65 -17.04 -8.81
CA HIS B 134 -11.26 -16.42 -10.09
C HIS B 134 -11.97 -15.10 -10.36
N LYS B 135 -13.26 -15.02 -10.07
CA LYS B 135 -14.03 -13.82 -10.31
C LYS B 135 -13.69 -12.70 -9.33
N GLU B 136 -13.37 -13.04 -8.09
CA GLU B 136 -12.85 -12.05 -7.13
C GLU B 136 -11.48 -11.52 -7.59
N TYR B 137 -10.57 -12.42 -7.97
CA TYR B 137 -9.26 -11.99 -8.56
C TYR B 137 -9.42 -11.01 -9.74
N LEU B 138 -10.35 -11.29 -10.67
CA LEU B 138 -10.54 -10.38 -11.82
C LEU B 138 -10.93 -8.99 -11.34
N CYS B 139 -11.87 -8.91 -10.37
CA CYS B 139 -12.34 -7.64 -9.89
C CYS B 139 -11.21 -6.96 -9.10
N VAL B 140 -10.48 -7.72 -8.27
CA VAL B 140 -9.45 -7.04 -7.45
C VAL B 140 -8.34 -6.50 -8.36
N LYS B 141 -7.98 -7.26 -9.40
CA LYS B 141 -6.90 -6.83 -10.30
C LYS B 141 -7.27 -5.52 -11.06
N ALA B 142 -8.55 -5.44 -11.48
CA ALA B 142 -9.07 -4.21 -12.07
C ALA B 142 -9.15 -3.07 -11.06
N MET B 143 -9.54 -3.39 -9.82
CA MET B 143 -9.48 -2.35 -8.75
C MET B 143 -8.07 -1.80 -8.56
N ILE B 144 -7.07 -2.67 -8.57
CA ILE B 144 -5.68 -2.22 -8.49
C ILE B 144 -5.35 -1.16 -9.55
N LEU B 145 -5.71 -1.45 -10.79
CA LEU B 145 -5.51 -0.48 -11.88
C LEU B 145 -6.22 0.85 -11.58
N LEU B 146 -7.48 0.74 -11.20
CA LEU B 146 -8.30 1.95 -11.06
C LEU B 146 -8.11 2.73 -9.77
N ASN B 147 -7.48 2.14 -8.74
CA ASN B 147 -7.39 2.70 -7.40
C ASN B 147 -6.02 3.29 -7.09
N SER B 148 -5.43 4.00 -7.99
CA SER B 148 -4.26 4.73 -7.51
C SER B 148 -4.57 6.19 -7.06
N SER B 149 -3.74 6.75 -6.14
CA SER B 149 -3.84 8.19 -5.76
C SER B 149 -3.92 8.76 -7.08
N MET B 150 -4.88 9.65 -7.27
CA MET B 150 -4.99 10.35 -8.55
C MET B 150 -4.96 11.84 -8.32
N TYR B 151 -3.94 12.28 -7.55
CA TYR B 151 -3.92 13.62 -6.99
C TYR B 151 -3.97 14.53 -8.18
N PRO B 152 -4.93 15.47 -8.22
CA PRO B 152 -4.99 16.30 -9.42
C PRO B 152 -3.61 16.61 -10.10
N LEU B 153 -3.48 16.22 -11.37
CA LEU B 153 -2.45 16.77 -12.28
C LEU B 153 -2.85 18.07 -12.95
N VAL B 154 -1.87 18.83 -13.42
CA VAL B 154 -2.24 19.96 -14.24
C VAL B 154 -1.93 19.61 -15.71
N THR B 155 -2.99 19.47 -16.49
CA THR B 155 -2.83 19.19 -17.91
C THR B 155 -3.37 20.37 -18.73
N ALA B 156 -3.05 20.40 -20.04
CA ALA B 156 -3.33 21.58 -20.88
C ALA B 156 -4.82 21.77 -21.23
N LYS B 165 -15.36 10.36 -13.93
CA LYS B 165 -15.56 9.12 -14.70
C LYS B 165 -14.70 7.92 -14.20
N LEU B 166 -13.48 8.20 -13.77
CA LEU B 166 -12.72 7.19 -13.06
C LEU B 166 -13.50 6.68 -11.81
N ALA B 167 -14.11 7.58 -11.03
CA ALA B 167 -14.77 7.16 -9.81
C ALA B 167 -15.90 6.22 -10.17
N HIS B 168 -16.67 6.55 -11.21
CA HIS B 168 -17.80 5.72 -11.65
C HIS B 168 -17.32 4.32 -12.01
N LEU B 169 -16.16 4.26 -12.66
CA LEU B 169 -15.50 3.00 -13.04
C LEU B 169 -15.17 2.13 -11.86
N LEU B 170 -14.40 2.71 -10.94
CA LEU B 170 -13.97 2.04 -9.74
C LEU B 170 -15.18 1.64 -8.93
N ASN B 171 -16.15 2.55 -8.81
CA ASN B 171 -17.41 2.19 -8.16
C ASN B 171 -18.04 0.94 -8.76
N ALA B 172 -18.11 0.86 -10.08
CA ALA B 172 -18.77 -0.30 -10.72
C ALA B 172 -17.97 -1.59 -10.49
N VAL B 173 -16.64 -1.52 -10.57
CA VAL B 173 -15.85 -2.73 -10.24
C VAL B 173 -16.02 -3.16 -8.77
N THR B 174 -15.96 -2.18 -7.85
CA THR B 174 -16.27 -2.47 -6.45
C THR B 174 -17.64 -3.13 -6.25
N ASP B 175 -18.70 -2.56 -6.86
CA ASP B 175 -20.00 -3.19 -6.92
C ASP B 175 -19.96 -4.59 -7.48
N ALA B 176 -19.21 -4.78 -8.55
CA ALA B 176 -19.04 -6.13 -9.10
C ALA B 176 -18.44 -7.10 -8.08
N LEU B 177 -17.42 -6.67 -7.34
CA LEU B 177 -16.82 -7.56 -6.34
C LEU B 177 -17.81 -7.95 -5.20
N VAL B 178 -18.50 -6.95 -4.66
CA VAL B 178 -19.60 -7.17 -3.72
C VAL B 178 -20.61 -8.20 -4.28
N TRP B 179 -20.98 -8.04 -5.54
CA TRP B 179 -21.96 -8.97 -6.21
C TRP B 179 -21.38 -10.40 -6.29
N VAL B 180 -20.10 -10.52 -6.67
CA VAL B 180 -19.48 -11.86 -6.71
C VAL B 180 -19.47 -12.45 -5.28
N ILE B 181 -19.02 -11.65 -4.30
CA ILE B 181 -19.00 -12.19 -2.93
C ILE B 181 -20.40 -12.64 -2.49
N ALA B 182 -21.44 -11.83 -2.79
CA ALA B 182 -22.84 -12.20 -2.48
C ALA B 182 -23.29 -13.55 -3.07
N LYS B 183 -22.67 -13.96 -4.16
CA LYS B 183 -23.06 -15.19 -4.83
C LYS B 183 -22.68 -16.45 -4.05
N SER B 184 -22.07 -16.27 -2.88
CA SER B 184 -21.63 -17.35 -2.01
C SER B 184 -22.59 -17.63 -0.84
N GLY B 185 -23.50 -16.72 -0.58
CA GLY B 185 -24.57 -16.98 0.38
C GLY B 185 -24.12 -17.14 1.82
N ILE B 186 -22.90 -16.71 2.17
CA ILE B 186 -22.53 -16.65 3.58
C ILE B 186 -23.30 -15.47 4.26
N SER B 187 -23.18 -15.33 5.58
CA SER B 187 -23.90 -14.27 6.32
C SER B 187 -23.46 -12.86 5.93
N SER B 188 -24.35 -11.88 6.07
CA SER B 188 -24.04 -10.50 5.79
C SER B 188 -22.74 -10.09 6.47
N GLN B 189 -22.65 -10.43 7.75
CA GLN B 189 -21.47 -10.26 8.55
C GLN B 189 -20.25 -10.79 7.83
N GLN B 190 -20.32 -12.05 7.39
CA GLN B 190 -19.22 -12.72 6.75
C GLN B 190 -18.87 -12.10 5.39
N GLN B 191 -19.84 -11.48 4.70
CA GLN B 191 -19.61 -10.93 3.38
C GLN B 191 -18.79 -9.65 3.52
N SER B 192 -19.07 -8.91 4.60
CA SER B 192 -18.40 -7.65 4.90
C SER B 192 -16.97 -8.00 5.29
N MET B 193 -16.83 -9.02 6.15
CA MET B 193 -15.53 -9.49 6.56
C MET B 193 -14.68 -10.02 5.37
N ARG B 194 -15.24 -10.83 4.46
CA ARG B 194 -14.43 -11.26 3.26
C ARG B 194 -14.03 -10.01 2.41
N LEU B 195 -14.96 -9.07 2.23
CA LEU B 195 -14.65 -7.88 1.46
C LEU B 195 -13.45 -7.09 2.08
N ALA B 196 -13.45 -6.94 3.40
CA ALA B 196 -12.39 -6.25 4.12
C ALA B 196 -11.11 -7.05 4.03
N ASN B 197 -11.20 -8.38 4.21
CA ASN B 197 -9.96 -9.19 4.09
C ASN B 197 -9.29 -9.11 2.71
N LEU B 198 -10.11 -9.13 1.67
CA LEU B 198 -9.60 -8.94 0.32
C LEU B 198 -8.95 -7.55 0.17
N LEU B 199 -9.67 -6.48 0.54
CA LEU B 199 -9.17 -5.12 0.26
C LEU B 199 -8.00 -4.77 1.11
N MET B 200 -7.94 -5.33 2.33
CA MET B 200 -6.78 -5.06 3.18
C MET B 200 -5.52 -5.61 2.55
N LEU B 201 -5.66 -6.59 1.67
CA LEU B 201 -4.48 -7.16 1.00
C LEU B 201 -3.92 -6.23 -0.11
N LEU B 202 -4.74 -5.26 -0.51
CA LEU B 202 -4.31 -4.28 -1.52
C LEU B 202 -3.06 -3.49 -1.06
N SER B 203 -3.07 -3.11 0.21
CA SER B 203 -1.91 -2.65 0.96
C SER B 203 -0.68 -3.51 0.80
N HIS B 204 -0.84 -4.81 0.90
CA HIS B 204 0.32 -5.71 0.92
C HIS B 204 0.89 -5.73 -0.48
N VAL B 205 0.00 -5.64 -1.49
CA VAL B 205 0.39 -5.68 -2.91
C VAL B 205 1.12 -4.37 -3.20
N ARG B 206 0.57 -3.25 -2.71
CA ARG B 206 1.22 -1.97 -2.89
C ARG B 206 2.62 -1.99 -2.24
N HIS B 207 2.74 -2.60 -1.06
CA HIS B 207 4.02 -2.59 -0.32
C HIS B 207 5.05 -3.45 -1.12
N ALA B 208 4.69 -4.68 -1.45
CA ALA B 208 5.56 -5.49 -2.29
C ALA B 208 5.96 -4.80 -3.61
N SER B 209 5.02 -4.07 -4.20
CA SER B 209 5.23 -3.41 -5.46
C SER B 209 6.24 -2.27 -5.30
N ASN B 210 6.15 -1.58 -4.17
CA ASN B 210 7.15 -0.54 -3.83
C ASN B 210 8.53 -1.20 -3.69
N LYS B 211 8.63 -2.32 -2.98
CA LYS B 211 9.94 -2.95 -2.79
C LYS B 211 10.53 -3.42 -4.17
N GLY B 212 9.67 -4.00 -5.00
CA GLY B 212 10.10 -4.45 -6.32
C GLY B 212 10.54 -3.32 -7.26
N MET B 213 9.80 -2.21 -7.26
CA MET B 213 10.22 -1.00 -7.97
C MET B 213 11.60 -0.50 -7.55
N GLU B 214 11.83 -0.37 -6.25
CA GLU B 214 13.12 0.13 -5.74
C GLU B 214 14.23 -0.78 -6.25
N HIS B 215 13.96 -2.09 -6.16
CA HIS B 215 14.96 -3.10 -6.48
C HIS B 215 15.40 -2.93 -7.92
N LEU B 216 14.43 -2.81 -8.80
CA LEU B 216 14.71 -2.66 -10.20
C LEU B 216 15.38 -1.30 -10.56
N LEU B 217 14.94 -0.21 -9.95
CA LEU B 217 15.60 1.10 -10.13
C LEU B 217 17.05 1.09 -9.58
N ASN B 218 17.24 0.43 -8.44
CA ASN B 218 18.58 0.11 -7.92
C ASN B 218 19.37 -0.79 -8.90
N MET B 219 18.93 -2.04 -9.14
CA MET B 219 19.61 -2.95 -10.12
C MET B 219 19.98 -2.14 -11.36
N LYS B 220 19.08 -1.31 -11.84
CA LYS B 220 19.32 -0.60 -13.09
C LYS B 220 20.49 0.38 -12.97
N CYS B 221 20.44 1.19 -11.91
CA CYS B 221 21.51 2.09 -11.47
C CYS B 221 22.91 1.47 -11.52
N LYS B 222 23.05 0.25 -10.99
CA LYS B 222 24.32 -0.48 -10.92
C LYS B 222 24.71 -1.22 -12.23
N ASN B 223 23.96 -1.00 -13.33
CA ASN B 223 24.00 -1.89 -14.57
C ASN B 223 24.15 -3.40 -14.33
N VAL B 224 23.34 -3.93 -13.37
CA VAL B 224 23.43 -5.36 -12.98
C VAL B 224 22.57 -6.16 -13.96
N VAL B 225 21.91 -5.39 -14.81
CA VAL B 225 21.02 -5.84 -15.85
C VAL B 225 20.69 -4.60 -16.69
N PRO B 226 20.83 -4.70 -18.01
CA PRO B 226 20.25 -3.73 -18.90
C PRO B 226 18.76 -4.03 -19.10
N VAL B 227 17.92 -2.99 -19.07
CA VAL B 227 16.49 -3.18 -19.39
C VAL B 227 16.19 -2.35 -20.65
N TYR B 228 15.20 -2.84 -21.41
CA TYR B 228 14.91 -2.18 -22.64
C TYR B 228 13.46 -1.78 -22.78
N ASP B 229 13.20 -0.95 -23.79
CA ASP B 229 11.88 -0.75 -24.35
C ASP B 229 10.91 -0.21 -23.27
N LEU B 230 9.81 -0.90 -23.14
CA LEU B 230 8.70 -0.43 -22.33
C LEU B 230 9.03 -0.43 -20.83
N LEU B 231 9.64 -1.52 -20.38
CA LEU B 231 10.07 -1.60 -18.99
C LEU B 231 11.05 -0.45 -18.62
N LEU B 232 12.06 -0.22 -19.46
CA LEU B 232 12.98 0.92 -19.27
C LEU B 232 12.20 2.25 -19.18
N GLU B 233 11.31 2.47 -20.14
CA GLU B 233 10.51 3.68 -20.17
C GLU B 233 9.67 3.87 -18.89
N MET B 234 8.99 2.79 -18.46
CA MET B 234 8.13 2.85 -17.27
C MET B 234 8.99 3.18 -16.06
N LEU B 235 10.13 2.52 -15.97
CA LEU B 235 11.17 2.94 -15.02
C LEU B 235 11.74 4.32 -15.40
N ARG C 4 20.02 -3.06 17.43
CA ARG C 4 19.21 -2.98 16.17
C ARG C 4 17.83 -2.33 16.37
N HIS C 5 17.04 -2.88 17.29
CA HIS C 5 15.86 -2.16 17.78
C HIS C 5 16.15 -1.87 19.21
N LYS C 6 17.43 -1.58 19.42
CA LYS C 6 17.97 -1.20 20.72
C LYS C 6 17.01 -0.34 21.56
N ILE C 7 16.46 0.76 21.02
CA ILE C 7 15.58 1.69 21.79
C ILE C 7 14.06 1.31 21.75
N LEU C 8 13.65 0.73 20.63
CA LEU C 8 12.25 0.29 20.49
C LEU C 8 11.98 -0.83 21.52
N HIS C 9 12.87 -1.86 21.55
CA HIS C 9 12.77 -2.96 22.56
C HIS C 9 12.63 -2.33 23.92
N ARG C 10 13.54 -1.43 24.22
CA ARG C 10 13.48 -0.62 25.44
C ARG C 10 12.10 -0.01 25.73
N LEU C 11 11.47 0.73 24.81
CA LEU C 11 10.12 1.28 25.12
C LEU C 11 8.94 0.29 25.14
N LEU C 12 9.06 -0.84 24.46
CA LEU C 12 7.97 -1.84 24.50
C LEU C 12 7.94 -2.63 25.80
N GLN C 13 9.15 -2.84 26.37
CA GLN C 13 9.41 -3.76 27.51
C GLN C 13 9.44 -2.96 28.82
N ARG D 4 8.97 11.01 -22.99
CA ARG D 4 8.83 10.50 -21.56
C ARG D 4 7.96 9.25 -21.40
N HIS D 5 6.75 9.29 -21.96
CA HIS D 5 5.96 8.06 -22.14
C HIS D 5 5.87 7.84 -23.63
N LYS D 6 6.98 8.11 -24.28
CA LYS D 6 7.09 7.89 -25.73
C LYS D 6 6.45 6.59 -26.29
N ILE D 7 6.79 5.43 -25.73
CA ILE D 7 6.25 4.13 -26.22
C ILE D 7 4.87 3.76 -25.65
N LEU D 8 4.64 4.16 -24.40
CA LEU D 8 3.33 3.97 -23.77
C LEU D 8 2.27 4.79 -24.58
N HIS D 9 2.48 6.12 -24.71
CA HIS D 9 1.56 6.96 -25.55
C HIS D 9 1.34 6.28 -26.87
N ARG D 10 2.40 5.78 -27.47
CA ARG D 10 2.23 5.01 -28.71
C ARG D 10 1.22 3.86 -28.49
N LEU D 11 1.52 2.85 -27.67
CA LEU D 11 0.57 1.71 -27.46
C LEU D 11 -0.86 2.04 -26.97
N LEU D 12 -1.03 3.08 -26.17
CA LEU D 12 -2.38 3.50 -25.81
C LEU D 12 -3.12 3.97 -27.06
N GLN D 13 -2.42 4.80 -27.83
CA GLN D 13 -2.97 5.47 -29.03
C GLN D 13 -2.69 4.66 -30.29
#